data_4G8S
#
_entry.id   4G8S
#
_cell.length_a   73.759
_cell.length_b   73.759
_cell.length_c   169.472
_cell.angle_alpha   90.000
_cell.angle_beta   90.000
_cell.angle_gamma   90.000
#
_symmetry.space_group_name_H-M   'P 43 21 2'
#
loop_
_entity.id
_entity.type
_entity.pdbx_description
1 polymer 'Nitroreductase family protein'
2 non-polymer 'FLAVIN MONONUCLEOTIDE'
3 non-polymer GLYCEROL
4 water water
#
_entity_poly.entity_id   1
_entity_poly.type   'polypeptide(L)'
_entity_poly.pdbx_seq_one_letter_code
;(MSE)HHHHHHSSGVDLGTENLYFQS(MSE)DTLEAIRTRRSVRAFSDRPVEPEKLQ(MSE)VLEAARQAPSWAN(MSE)
QCSRFVVVQDAEVKAKISELSFVEAFFAPLGYRTNPAQKALAEAPVVIVACGVPGESGDLRGQQYY(MSE)TDVGIATEN
L(MSE)LAAHAVGLGSVFVGVFGEEQLGDLLDIPPEIRIVGLFPLGYPREETQAKSGPARKPLDEIVFQGKWKS
;
_entity_poly.pdbx_strand_id   A,B
#
# COMPACT_ATOMS: atom_id res chain seq x y z
N PHE A 20 11.32 16.90 -12.65
CA PHE A 20 10.51 17.88 -11.94
C PHE A 20 10.82 17.89 -10.45
N GLN A 21 10.83 19.08 -9.86
CA GLN A 21 11.09 19.24 -8.43
C GLN A 21 9.77 19.30 -7.64
N SER A 22 9.51 18.24 -6.88
CA SER A 22 8.34 18.19 -6.02
C SER A 22 8.81 18.27 -4.57
N ASP A 24 11.65 15.88 -1.83
CA ASP A 24 12.49 14.72 -1.55
C ASP A 24 11.64 13.55 -1.00
N THR A 25 11.93 12.34 -1.49
CA THR A 25 11.16 11.15 -1.13
C THR A 25 11.10 10.89 0.38
N LEU A 26 12.26 10.85 1.03
CA LEU A 26 12.27 10.58 2.47
C LEU A 26 11.48 11.63 3.24
N GLU A 27 11.61 12.89 2.81
CA GLU A 27 10.90 14.00 3.42
C GLU A 27 9.39 13.90 3.21
N ALA A 28 8.97 13.65 1.97
CA ALA A 28 7.55 13.42 1.67
C ALA A 28 6.97 12.31 2.55
N ILE A 29 7.69 11.21 2.66
CA ILE A 29 7.21 10.08 3.45
C ILE A 29 7.07 10.45 4.92
N ARG A 30 8.06 11.18 5.44
CA ARG A 30 8.01 11.59 6.84
C ARG A 30 6.93 12.64 7.12
N THR A 31 6.68 13.53 6.17
CA THR A 31 5.83 14.68 6.49
C THR A 31 4.40 14.54 6.00
N ARG A 32 4.12 13.50 5.22
CA ARG A 32 2.76 13.24 4.75
C ARG A 32 1.83 13.09 5.96
N ARG A 33 0.69 13.78 5.91
CA ARG A 33 -0.32 13.71 6.98
C ARG A 33 -1.67 13.38 6.39
N SER A 34 -2.56 12.83 7.21
CA SER A 34 -3.95 12.74 6.81
C SER A 34 -4.56 14.13 6.92
N VAL A 35 -4.90 14.73 5.77
CA VAL A 35 -5.52 16.06 5.78
C VAL A 35 -7.02 15.92 5.69
N ARG A 36 -7.71 16.59 6.62
CA ARG A 36 -9.15 16.46 6.76
C ARG A 36 -9.86 17.80 6.66
N ALA A 37 -9.11 18.88 6.44
CA ALA A 37 -9.70 20.20 6.24
C ALA A 37 -9.15 20.83 4.99
N PHE A 38 -10.03 21.12 4.04
CA PHE A 38 -9.59 21.60 2.74
C PHE A 38 -10.12 22.98 2.39
N SER A 39 -9.28 23.77 1.74
CA SER A 39 -9.72 24.98 1.09
C SER A 39 -10.56 24.62 -0.13
N ASP A 40 -11.23 25.62 -0.72
CA ASP A 40 -12.06 25.38 -1.89
C ASP A 40 -11.31 25.68 -3.18
N ARG A 41 -10.05 26.12 -3.04
CA ARG A 41 -9.15 26.33 -4.17
C ARG A 41 -9.09 25.08 -5.08
N PRO A 42 -9.29 25.30 -6.39
CA PRO A 42 -9.33 24.22 -7.39
C PRO A 42 -8.02 23.46 -7.50
N VAL A 43 -8.12 22.18 -7.81
CA VAL A 43 -6.94 21.37 -8.09
C VAL A 43 -6.67 21.47 -9.60
N GLU A 44 -5.51 22.01 -9.97
CA GLU A 44 -5.09 22.04 -11.37
C GLU A 44 -5.14 20.61 -11.92
N PRO A 45 -5.76 20.43 -13.09
CA PRO A 45 -5.76 19.12 -13.74
C PRO A 45 -4.34 18.58 -13.93
N GLU A 46 -3.36 19.46 -14.12
CA GLU A 46 -1.97 19.03 -14.26
C GLU A 46 -1.48 18.27 -13.02
N LYS A 47 -1.83 18.77 -11.84
CA LYS A 47 -1.49 18.09 -10.58
C LYS A 47 -2.30 16.82 -10.39
N LEU A 48 -3.59 16.88 -10.71
CA LEU A 48 -4.46 15.70 -10.61
C LEU A 48 -3.89 14.58 -11.48
N GLN A 49 -3.42 14.94 -12.67
CA GLN A 49 -2.77 13.97 -13.55
C GLN A 49 -1.50 13.36 -12.94
N VAL A 51 -0.83 13.04 -9.80
CA VAL A 51 -1.27 12.17 -8.72
C VAL A 51 -1.75 10.80 -9.23
N LEU A 52 -2.55 10.80 -10.29
CA LEU A 52 -3.12 9.57 -10.81
C LEU A 52 -2.09 8.74 -11.56
N GLU A 53 -1.14 9.42 -12.19
CA GLU A 53 0.00 8.75 -12.84
C GLU A 53 0.81 7.97 -11.81
N ALA A 54 1.04 8.57 -10.65
CA ALA A 54 1.79 7.91 -9.59
C ALA A 54 1.10 6.62 -9.14
N ALA A 55 -0.22 6.68 -8.99
CA ALA A 55 -1.00 5.49 -8.64
C ALA A 55 -0.85 4.42 -9.71
N ARG A 56 -0.93 4.85 -10.97
CA ARG A 56 -0.80 3.94 -12.12
C ARG A 56 0.58 3.26 -12.15
N GLN A 57 1.60 3.96 -11.65
CA GLN A 57 2.98 3.47 -11.72
C GLN A 57 3.29 2.47 -10.62
N ALA A 58 2.30 2.21 -9.78
CA ALA A 58 2.47 1.32 -8.64
C ALA A 58 2.75 -0.09 -9.10
N PRO A 59 3.62 -0.79 -8.36
CA PRO A 59 3.77 -2.23 -8.57
C PRO A 59 2.47 -2.91 -8.16
N SER A 60 2.13 -4.02 -8.81
CA SER A 60 0.94 -4.79 -8.47
C SER A 60 1.25 -6.26 -8.69
N TRP A 61 0.44 -7.11 -8.06
CA TRP A 61 0.55 -8.55 -8.23
C TRP A 61 0.65 -8.93 -9.70
N ALA A 62 1.83 -9.43 -10.09
CA ALA A 62 2.12 -9.84 -11.47
C ALA A 62 1.82 -8.77 -12.51
N ASN A 63 1.96 -7.50 -12.13
CA ASN A 63 1.61 -6.38 -13.00
C ASN A 63 0.17 -6.47 -13.54
N GLN A 65 -2.44 -5.14 -12.13
CA GLN A 65 -3.04 -3.82 -11.93
C GLN A 65 -4.55 -3.87 -11.66
N CYS A 66 -4.94 -4.38 -10.50
CA CYS A 66 -6.34 -4.56 -10.17
C CYS A 66 -7.00 -3.26 -9.69
N SER A 67 -6.22 -2.22 -9.46
CA SER A 67 -6.77 -0.97 -8.94
C SER A 67 -7.58 -0.19 -9.99
N ARG A 68 -8.64 0.46 -9.54
CA ARG A 68 -9.48 1.31 -10.38
C ARG A 68 -9.87 2.55 -9.58
N PHE A 69 -10.05 3.68 -10.26
CA PHE A 69 -10.31 4.93 -9.58
C PHE A 69 -11.47 5.65 -10.25
N VAL A 70 -12.40 6.14 -9.44
CA VAL A 70 -13.45 6.99 -9.95
C VAL A 70 -13.16 8.39 -9.45
N VAL A 71 -12.98 9.34 -10.35
CA VAL A 71 -12.70 10.71 -9.96
C VAL A 71 -14.01 11.47 -9.82
N VAL A 72 -14.33 11.91 -8.61
CA VAL A 72 -15.60 12.59 -8.36
C VAL A 72 -15.37 14.06 -8.06
N GLN A 73 -15.97 14.94 -8.86
CA GLN A 73 -15.81 16.38 -8.66
C GLN A 73 -17.14 17.11 -8.43
N ASP A 74 -18.25 16.49 -8.82
CA ASP A 74 -19.55 17.15 -8.68
C ASP A 74 -19.91 17.41 -7.21
N ALA A 75 -20.30 18.65 -6.90
CA ALA A 75 -20.66 19.05 -5.55
C ALA A 75 -21.77 18.20 -4.92
N GLU A 76 -22.85 17.97 -5.65
CA GLU A 76 -23.98 17.21 -5.13
C GLU A 76 -23.59 15.75 -4.85
N VAL A 77 -22.87 15.15 -5.80
CA VAL A 77 -22.44 13.77 -5.65
C VAL A 77 -21.46 13.64 -4.46
N LYS A 78 -20.56 14.61 -4.30
CA LYS A 78 -19.62 14.60 -3.19
C LYS A 78 -20.33 14.70 -1.84
N ALA A 79 -21.39 15.51 -1.81
CA ALA A 79 -22.20 15.67 -0.59
C ALA A 79 -22.86 14.35 -0.22
N LYS A 80 -23.36 13.61 -1.22
CA LYS A 80 -23.92 12.29 -0.97
C LYS A 80 -22.88 11.32 -0.45
N ILE A 81 -21.69 11.33 -1.03
CA ILE A 81 -20.61 10.47 -0.56
C ILE A 81 -20.25 10.79 0.90
N SER A 82 -20.20 12.07 1.23
CA SER A 82 -19.93 12.48 2.59
C SER A 82 -20.96 11.89 3.55
N GLU A 83 -22.24 11.95 3.16
CA GLU A 83 -23.32 11.39 3.98
C GLU A 83 -23.15 9.89 4.21
N LEU A 84 -22.67 9.19 3.18
CA LEU A 84 -22.47 7.74 3.24
C LEU A 84 -21.27 7.31 4.10
N SER A 85 -20.44 8.26 4.49
CA SER A 85 -19.26 7.94 5.28
C SER A 85 -19.49 8.25 6.75
N PHE A 86 -20.73 8.58 7.11
CA PHE A 86 -21.08 8.82 8.50
C PHE A 86 -20.91 7.54 9.33
N VAL A 87 -20.39 7.67 10.54
CA VAL A 87 -20.33 6.52 11.44
C VAL A 87 -21.47 6.58 12.45
N GLU A 88 -22.36 5.60 12.38
CA GLU A 88 -23.32 5.37 13.46
C GLU A 88 -22.60 4.64 14.58
N ALA A 89 -22.67 5.17 15.79
CA ALA A 89 -22.00 4.58 16.95
C ALA A 89 -22.34 3.10 17.11
N PHE A 90 -23.60 2.75 16.88
CA PHE A 90 -24.03 1.36 16.95
C PHE A 90 -23.27 0.45 15.97
N PHE A 91 -22.90 0.99 14.81
CA PHE A 91 -22.21 0.20 13.79
C PHE A 91 -20.77 0.66 13.62
N ALA A 92 -20.23 1.31 14.65
CA ALA A 92 -18.88 1.87 14.62
C ALA A 92 -17.86 0.77 14.42
N PRO A 93 -17.05 0.89 13.36
CA PRO A 93 -15.99 -0.11 13.20
C PRO A 93 -14.84 0.13 14.16
N LEU A 94 -13.97 -0.86 14.27
CA LEU A 94 -12.73 -0.80 15.02
C LEU A 94 -12.02 0.54 14.88
N GLY A 95 -11.79 1.19 16.01
CA GLY A 95 -10.99 2.41 16.04
C GLY A 95 -11.65 3.69 15.56
N TYR A 96 -12.83 3.62 14.95
CA TYR A 96 -13.48 4.86 14.48
C TYR A 96 -14.87 5.03 15.08
N ARG A 97 -14.93 5.69 16.22
CA ARG A 97 -16.20 5.98 16.87
C ARG A 97 -16.96 7.02 16.06
N THR A 98 -16.21 7.90 15.40
CA THR A 98 -16.77 8.80 14.40
C THR A 98 -15.86 8.72 13.18
N ASN A 99 -16.31 9.30 12.07
CA ASN A 99 -15.46 9.44 10.91
C ASN A 99 -15.02 10.89 10.73
N PRO A 100 -13.81 11.22 11.19
CA PRO A 100 -13.41 12.64 11.18
C PRO A 100 -13.19 13.15 9.76
N ALA A 101 -13.18 12.27 8.77
CA ALA A 101 -12.93 12.72 7.41
C ALA A 101 -14.22 12.99 6.67
N GLN A 102 -15.35 12.92 7.36
CA GLN A 102 -16.66 13.03 6.71
C GLN A 102 -16.87 14.36 6.00
N LYS A 103 -16.57 15.48 6.67
CA LYS A 103 -16.77 16.78 6.04
C LYS A 103 -15.77 17.01 4.89
N ALA A 104 -14.55 16.48 5.03
CA ALA A 104 -13.56 16.57 3.98
C ALA A 104 -14.08 16.02 2.64
N LEU A 105 -14.85 14.94 2.69
CA LEU A 105 -15.40 14.36 1.48
C LEU A 105 -16.38 15.32 0.79
N ALA A 106 -17.07 16.12 1.60
CA ALA A 106 -17.92 17.19 1.10
C ALA A 106 -17.12 18.40 0.58
N GLU A 107 -16.07 18.78 1.30
CA GLU A 107 -15.39 20.05 1.10
C GLU A 107 -14.37 20.03 -0.03
N ALA A 108 -13.68 18.90 -0.17
CA ALA A 108 -12.58 18.80 -1.12
C ALA A 108 -13.08 19.00 -2.57
N PRO A 109 -12.26 19.66 -3.40
CA PRO A 109 -12.64 19.83 -4.81
C PRO A 109 -12.71 18.48 -5.53
N VAL A 110 -11.94 17.51 -5.05
CA VAL A 110 -11.87 16.22 -5.73
C VAL A 110 -11.97 15.11 -4.71
N VAL A 111 -12.78 14.09 -5.03
CA VAL A 111 -12.76 12.87 -4.26
C VAL A 111 -12.43 11.70 -5.18
N ILE A 112 -11.39 10.97 -4.84
CA ILE A 112 -11.01 9.80 -5.62
C ILE A 112 -11.45 8.55 -4.89
N VAL A 113 -12.23 7.72 -5.57
CA VAL A 113 -12.74 6.48 -4.99
C VAL A 113 -11.87 5.34 -5.50
N ALA A 114 -11.13 4.70 -4.60
CA ALA A 114 -10.21 3.63 -5.01
C ALA A 114 -10.85 2.26 -4.85
N CYS A 115 -10.86 1.49 -5.94
CA CYS A 115 -11.48 0.17 -5.97
C CYS A 115 -10.50 -0.90 -6.41
N GLY A 116 -10.88 -2.16 -6.21
CA GLY A 116 -10.04 -3.27 -6.63
C GLY A 116 -10.84 -4.35 -7.34
N VAL A 117 -10.25 -4.94 -8.37
CA VAL A 117 -10.80 -6.14 -8.99
C VAL A 117 -10.09 -7.32 -8.34
N PRO A 118 -10.79 -8.04 -7.43
CA PRO A 118 -10.14 -9.10 -6.64
C PRO A 118 -9.53 -10.21 -7.51
N GLY A 119 -10.17 -10.51 -8.63
CA GLY A 119 -9.70 -11.56 -9.53
C GLY A 119 -8.47 -11.14 -10.34
N GLU A 120 -8.04 -9.90 -10.18
CA GLU A 120 -6.84 -9.43 -10.86
C GLU A 120 -5.68 -9.22 -9.89
N SER A 121 -5.73 -9.95 -8.78
CA SER A 121 -4.62 -9.97 -7.85
C SER A 121 -4.58 -11.35 -7.20
N GLY A 122 -3.50 -11.60 -6.46
CA GLY A 122 -3.34 -12.87 -5.78
C GLY A 122 -4.45 -13.23 -4.80
N ASP A 123 -4.79 -14.52 -4.82
CA ASP A 123 -5.74 -15.08 -3.88
C ASP A 123 -5.16 -16.41 -3.41
N LEU A 124 -4.44 -16.37 -2.29
CA LEU A 124 -3.84 -17.58 -1.72
C LEU A 124 -3.66 -17.44 -0.22
N ARG A 125 -3.64 -18.57 0.47
CA ARG A 125 -3.48 -18.60 1.93
C ARG A 125 -4.62 -17.85 2.63
N GLY A 126 -5.77 -17.78 1.97
CA GLY A 126 -6.92 -17.02 2.46
C GLY A 126 -6.69 -15.52 2.46
N GLN A 127 -5.69 -15.05 1.71
CA GLN A 127 -5.36 -13.62 1.71
C GLN A 127 -5.78 -12.88 0.45
N GLN A 128 -6.39 -11.72 0.65
CA GLN A 128 -6.90 -10.90 -0.44
C GLN A 128 -5.84 -9.91 -0.90
N TYR A 129 -4.99 -10.31 -1.84
CA TYR A 129 -3.91 -9.41 -2.26
C TYR A 129 -4.37 -8.18 -3.03
N TYR A 130 -5.62 -8.17 -3.51
CA TYR A 130 -6.14 -6.93 -4.10
C TYR A 130 -6.11 -5.77 -3.06
N THR A 132 -3.87 -5.32 -0.70
CA THR A 132 -2.48 -4.91 -0.68
C THR A 132 -2.11 -4.08 -1.90
N ASP A 133 -2.55 -4.53 -3.08
CA ASP A 133 -2.30 -3.81 -4.32
C ASP A 133 -2.89 -2.40 -4.27
N VAL A 134 -4.12 -2.28 -3.78
CA VAL A 134 -4.73 -0.98 -3.69
C VAL A 134 -4.02 -0.11 -2.65
N GLY A 135 -3.54 -0.75 -1.57
CA GLY A 135 -2.78 -0.03 -0.56
C GLY A 135 -1.49 0.56 -1.13
N ILE A 136 -0.83 -0.23 -1.96
CA ILE A 136 0.40 0.21 -2.60
C ILE A 136 0.11 1.37 -3.53
N ALA A 137 -0.94 1.25 -4.32
CA ALA A 137 -1.25 2.28 -5.31
C ALA A 137 -1.69 3.56 -4.62
N THR A 138 -2.46 3.44 -3.54
CA THR A 138 -2.96 4.63 -2.86
C THR A 138 -1.89 5.32 -2.02
N GLU A 139 -0.87 4.57 -1.58
CA GLU A 139 0.24 5.23 -0.90
C GLU A 139 1.06 6.05 -1.92
N ASN A 140 1.25 5.52 -3.13
CA ASN A 140 1.80 6.33 -4.20
C ASN A 140 0.98 7.60 -4.41
N LEU A 141 -0.33 7.42 -4.45
CA LEU A 141 -1.26 8.51 -4.71
C LEU A 141 -1.14 9.60 -3.64
N LEU A 143 1.39 10.06 -1.38
CA LEU A 143 2.73 10.66 -1.38
C LEU A 143 2.89 11.67 -2.51
N ALA A 144 2.39 11.33 -3.69
CA ALA A 144 2.48 12.22 -4.86
C ALA A 144 1.71 13.49 -4.63
N ALA A 145 0.53 13.34 -4.04
CA ALA A 145 -0.30 14.49 -3.71
C ALA A 145 0.40 15.42 -2.71
N HIS A 146 0.97 14.84 -1.66
CA HIS A 146 1.69 15.64 -0.67
C HIS A 146 2.90 16.34 -1.33
N ALA A 147 3.57 15.62 -2.24
CA ALA A 147 4.77 16.15 -2.90
C ALA A 147 4.50 17.35 -3.81
N VAL A 148 3.28 17.48 -4.32
CA VAL A 148 2.93 18.63 -5.15
C VAL A 148 2.05 19.64 -4.41
N GLY A 149 2.02 19.56 -3.09
CA GLY A 149 1.35 20.58 -2.30
C GLY A 149 -0.10 20.31 -1.98
N LEU A 150 -0.58 19.12 -2.35
CA LEU A 150 -1.96 18.77 -2.06
C LEU A 150 -2.06 17.97 -0.76
N GLY A 151 -3.27 17.77 -0.29
CA GLY A 151 -3.50 16.97 0.89
C GLY A 151 -4.51 15.88 0.55
N SER A 152 -4.46 14.78 1.32
CA SER A 152 -5.47 13.74 1.23
C SER A 152 -5.51 12.92 2.52
N VAL A 153 -6.49 12.02 2.59
CA VAL A 153 -6.66 11.13 3.73
C VAL A 153 -7.29 9.87 3.16
N PHE A 154 -6.79 8.72 3.61
CA PHE A 154 -7.39 7.42 3.27
C PHE A 154 -8.67 7.31 4.11
N VAL A 155 -9.81 7.17 3.46
CA VAL A 155 -11.05 6.93 4.20
C VAL A 155 -11.56 5.52 3.95
N GLY A 156 -11.58 4.71 5.02
CA GLY A 156 -11.99 3.32 4.88
C GLY A 156 -13.41 3.03 5.33
N VAL A 157 -14.03 4.02 5.96
CA VAL A 157 -15.36 3.86 6.54
C VAL A 157 -16.39 4.53 5.65
N PHE A 158 -17.31 3.73 5.11
CA PHE A 158 -18.36 4.21 4.21
C PHE A 158 -19.31 3.06 3.94
N GLY A 159 -20.54 3.36 3.55
CA GLY A 159 -21.47 2.33 3.11
C GLY A 159 -21.17 1.92 1.67
N GLU A 160 -20.56 0.74 1.49
CA GLU A 160 -20.10 0.33 0.16
C GLU A 160 -21.19 0.15 -0.88
N GLU A 161 -22.31 -0.47 -0.50
CA GLU A 161 -23.34 -0.80 -1.47
C GLU A 161 -24.04 0.45 -1.96
N GLN A 162 -24.29 1.39 -1.07
CA GLN A 162 -24.89 2.66 -1.46
C GLN A 162 -23.91 3.47 -2.30
N LEU A 163 -22.62 3.41 -1.95
CA LEU A 163 -21.64 4.18 -2.69
C LEU A 163 -21.53 3.63 -4.09
N GLY A 164 -21.48 2.31 -4.20
CA GLY A 164 -21.43 1.67 -5.50
C GLY A 164 -22.64 1.99 -6.35
N ASP A 165 -23.80 2.03 -5.70
CA ASP A 165 -25.03 2.36 -6.40
C ASP A 165 -24.99 3.77 -6.95
N LEU A 166 -24.49 4.70 -6.15
CA LEU A 166 -24.35 6.08 -6.53
C LEU A 166 -23.44 6.28 -7.75
N LEU A 167 -22.39 5.47 -7.84
CA LEU A 167 -21.34 5.69 -8.82
C LEU A 167 -21.38 4.67 -9.96
N ASP A 168 -22.45 3.87 -9.99
CA ASP A 168 -22.62 2.80 -10.98
C ASP A 168 -21.51 1.76 -10.96
N ILE A 169 -20.87 1.58 -9.82
CA ILE A 169 -19.83 0.58 -9.70
C ILE A 169 -20.47 -0.80 -9.57
N PRO A 170 -20.09 -1.75 -10.45
CA PRO A 170 -20.63 -3.11 -10.39
C PRO A 170 -20.33 -3.74 -9.02
N PRO A 171 -21.24 -4.58 -8.50
CA PRO A 171 -21.05 -5.25 -7.20
C PRO A 171 -19.85 -6.21 -7.15
N GLU A 172 -19.40 -6.73 -8.28
CA GLU A 172 -18.17 -7.53 -8.26
C GLU A 172 -16.89 -6.68 -8.06
N ILE A 173 -16.98 -5.38 -8.24
CA ILE A 173 -15.84 -4.50 -7.95
C ILE A 173 -15.91 -4.13 -6.47
N ARG A 174 -14.79 -4.17 -5.77
CA ARG A 174 -14.80 -3.86 -4.34
C ARG A 174 -14.21 -2.48 -4.09
N ILE A 175 -14.95 -1.65 -3.36
CA ILE A 175 -14.47 -0.32 -2.97
C ILE A 175 -13.60 -0.43 -1.74
N VAL A 176 -12.43 0.19 -1.78
CA VAL A 176 -11.45 0.01 -0.73
C VAL A 176 -11.22 1.29 0.07
N GLY A 177 -11.14 2.42 -0.62
CA GLY A 177 -10.95 3.67 0.08
C GLY A 177 -11.41 4.90 -0.67
N LEU A 178 -11.70 5.97 0.08
CA LEU A 178 -12.05 7.25 -0.51
C LEU A 178 -10.96 8.24 -0.17
N PHE A 179 -10.65 9.12 -1.12
CA PHE A 179 -9.54 10.06 -0.98
C PHE A 179 -9.97 11.46 -1.36
N PRO A 180 -10.39 12.25 -0.35
CA PRO A 180 -10.52 13.71 -0.50
C PRO A 180 -9.17 14.21 -0.98
N LEU A 181 -9.17 15.08 -1.98
CA LEU A 181 -7.93 15.62 -2.51
C LEU A 181 -8.14 17.11 -2.76
N GLY A 182 -7.22 17.93 -2.25
CA GLY A 182 -7.29 19.36 -2.44
C GLY A 182 -6.19 20.07 -1.70
N TYR A 183 -6.28 21.39 -1.62
CA TYR A 183 -5.29 22.17 -0.88
C TYR A 183 -5.72 22.23 0.57
N PRO A 184 -4.78 21.97 1.49
CA PRO A 184 -5.13 22.00 2.92
C PRO A 184 -5.50 23.41 3.36
N ARG A 185 -6.43 23.49 4.31
CA ARG A 185 -6.83 24.74 4.93
C ARG A 185 -5.82 25.15 5.99
N PRO A 194 8.20 -3.03 -17.81
CA PRO A 194 6.90 -3.71 -17.74
C PRO A 194 5.74 -2.72 -17.83
N ALA A 195 5.09 -2.67 -18.98
CA ALA A 195 4.11 -1.62 -19.28
C ALA A 195 2.92 -1.60 -18.33
N ARG A 196 2.32 -0.42 -18.19
CA ARG A 196 1.12 -0.24 -17.40
C ARG A 196 -0.08 0.01 -18.34
N LYS A 197 -1.27 -0.46 -17.94
CA LYS A 197 -2.49 -0.14 -18.66
C LYS A 197 -2.63 1.38 -18.81
N PRO A 198 -3.23 1.83 -19.93
CA PRO A 198 -3.53 3.24 -20.16
C PRO A 198 -4.32 3.83 -18.99
N LEU A 199 -4.04 5.09 -18.66
CA LEU A 199 -4.75 5.76 -17.57
C LEU A 199 -6.28 5.64 -17.74
N ASP A 200 -6.76 5.80 -18.97
CA ASP A 200 -8.19 5.79 -19.26
C ASP A 200 -8.86 4.44 -19.07
N GLU A 201 -8.06 3.39 -18.89
CA GLU A 201 -8.61 2.06 -18.58
C GLU A 201 -8.80 1.81 -17.08
N ILE A 202 -8.19 2.64 -16.24
CA ILE A 202 -8.28 2.38 -14.80
C ILE A 202 -8.82 3.58 -14.02
N VAL A 203 -9.02 4.68 -14.71
CA VAL A 203 -9.55 5.88 -14.08
C VAL A 203 -10.80 6.31 -14.83
N PHE A 204 -11.90 6.51 -14.09
CA PHE A 204 -13.14 6.92 -14.69
C PHE A 204 -13.58 8.28 -14.15
N GLN A 205 -14.17 9.10 -15.02
CA GLN A 205 -14.60 10.45 -14.65
C GLN A 205 -16.05 10.46 -14.17
N GLY A 206 -16.25 10.89 -12.93
CA GLY A 206 -17.60 11.08 -12.41
C GLY A 206 -18.30 9.82 -11.93
N LYS A 207 -18.29 8.78 -12.76
CA LYS A 207 -18.92 7.50 -12.44
C LYS A 207 -18.14 6.40 -13.12
N TRP A 208 -18.42 5.17 -12.71
CA TRP A 208 -17.81 4.00 -13.32
C TRP A 208 -18.24 3.90 -14.80
N LYS A 209 -17.36 3.38 -15.63
CA LYS A 209 -17.67 3.20 -17.05
C LYS A 209 -17.56 1.73 -17.45
N SER B 22 17.98 12.30 -0.96
CA SER B 22 17.69 11.03 -1.62
C SER B 22 17.32 11.20 -3.11
N ASP B 24 13.86 12.90 -5.76
CA ASP B 24 12.52 13.46 -5.91
C ASP B 24 11.40 12.40 -5.83
N THR B 25 10.34 12.72 -5.09
CA THR B 25 9.23 11.78 -4.86
C THR B 25 8.60 11.24 -6.17
N LEU B 26 8.22 12.14 -7.08
CA LEU B 26 7.57 11.73 -8.31
C LEU B 26 8.51 10.88 -9.15
N GLU B 27 9.78 11.27 -9.19
CA GLU B 27 10.79 10.55 -9.96
C GLU B 27 11.00 9.14 -9.39
N ALA B 28 11.11 9.05 -8.06
CA ALA B 28 11.27 7.76 -7.41
C ALA B 28 10.07 6.85 -7.66
N ILE B 29 8.88 7.43 -7.64
CA ILE B 29 7.67 6.63 -7.88
C ILE B 29 7.69 6.13 -9.32
N ARG B 30 8.14 6.99 -10.23
CA ARG B 30 8.14 6.63 -11.64
C ARG B 30 9.24 5.64 -12.02
N THR B 31 10.40 5.74 -11.36
CA THR B 31 11.55 4.93 -11.76
C THR B 31 11.79 3.70 -10.91
N ARG B 32 11.14 3.59 -9.75
CA ARG B 32 11.19 2.36 -8.94
C ARG B 32 10.92 1.11 -9.82
N ARG B 33 11.76 0.10 -9.70
CA ARG B 33 11.58 -1.17 -10.42
C ARG B 33 11.63 -2.35 -9.46
N SER B 34 11.02 -3.47 -9.85
CA SER B 34 11.26 -4.72 -9.14
C SER B 34 12.67 -5.21 -9.47
N VAL B 35 13.55 -5.19 -8.49
CA VAL B 35 14.91 -5.68 -8.68
C VAL B 35 15.02 -7.12 -8.20
N ARG B 36 15.48 -8.01 -9.08
CA ARG B 36 15.53 -9.43 -8.75
C ARG B 36 16.94 -10.02 -8.84
N ALA B 37 17.92 -9.17 -9.12
CA ALA B 37 19.32 -9.58 -9.15
C ALA B 37 20.14 -8.57 -8.37
N PHE B 38 20.88 -9.05 -7.37
CA PHE B 38 21.57 -8.16 -6.45
C PHE B 38 23.08 -8.38 -6.44
N SER B 39 23.81 -7.28 -6.26
CA SER B 39 25.24 -7.34 -6.01
C SER B 39 25.46 -7.78 -4.55
N ASP B 40 26.72 -7.96 -4.18
CA ASP B 40 27.05 -8.40 -2.82
C ASP B 40 27.49 -7.27 -1.88
N ARG B 41 27.43 -6.01 -2.36
CA ARG B 41 27.76 -4.83 -1.56
C ARG B 41 26.85 -4.84 -0.33
N PRO B 42 27.42 -4.65 0.87
CA PRO B 42 26.64 -4.63 2.12
C PRO B 42 25.72 -3.42 2.17
N VAL B 43 24.59 -3.53 2.83
CA VAL B 43 23.72 -2.38 3.04
C VAL B 43 24.20 -1.58 4.24
N GLU B 44 24.55 -0.32 4.01
CA GLU B 44 24.95 0.56 5.10
C GLU B 44 23.87 0.58 6.17
N PRO B 45 24.27 0.45 7.44
CA PRO B 45 23.34 0.48 8.58
C PRO B 45 22.40 1.68 8.51
N GLU B 46 22.92 2.82 8.07
CA GLU B 46 22.15 4.06 8.04
C GLU B 46 21.02 3.98 7.04
N LYS B 47 21.30 3.41 5.87
CA LYS B 47 20.28 3.28 4.84
C LYS B 47 19.19 2.29 5.24
N LEU B 48 19.59 1.17 5.83
CA LEU B 48 18.61 0.21 6.33
C LEU B 48 17.66 0.88 7.31
N GLN B 49 18.20 1.71 8.19
CA GLN B 49 17.37 2.41 9.17
C GLN B 49 16.40 3.39 8.51
N VAL B 51 15.15 3.11 5.60
CA VAL B 51 14.13 2.32 4.95
C VAL B 51 13.07 1.81 5.94
N LEU B 52 13.51 1.37 7.11
CA LEU B 52 12.57 0.89 8.12
C LEU B 52 11.77 2.04 8.71
N GLU B 53 12.42 3.18 8.90
CA GLU B 53 11.74 4.37 9.43
C GLU B 53 10.65 4.85 8.47
N ALA B 54 10.92 4.74 7.17
CA ALA B 54 9.90 5.07 6.17
C ALA B 54 8.65 4.21 6.33
N ALA B 55 8.85 2.91 6.54
CA ALA B 55 7.72 2.00 6.78
C ALA B 55 7.00 2.35 8.07
N ARG B 56 7.76 2.70 9.10
CA ARG B 56 7.18 3.09 10.38
C ARG B 56 6.29 4.34 10.23
N GLN B 57 6.63 5.21 9.28
CA GLN B 57 5.89 6.45 9.08
C GLN B 57 4.58 6.26 8.30
N ALA B 58 4.31 5.04 7.85
CA ALA B 58 3.12 4.78 7.04
C ALA B 58 1.83 5.11 7.77
N PRO B 59 0.85 5.63 7.04
CA PRO B 59 -0.51 5.73 7.59
C PRO B 59 -1.10 4.33 7.75
N SER B 60 -2.05 4.18 8.66
CA SER B 60 -2.64 2.88 8.94
C SER B 60 -4.01 3.09 9.53
N TRP B 61 -4.88 2.11 9.36
CA TRP B 61 -6.21 2.10 9.97
C TRP B 61 -6.18 2.54 11.42
N ALA B 62 -6.82 3.68 11.70
CA ALA B 62 -6.91 4.23 13.05
C ALA B 62 -5.55 4.39 13.74
N ASN B 63 -4.49 4.50 12.95
CA ASN B 63 -3.12 4.63 13.48
C ASN B 63 -2.71 3.42 14.30
N GLN B 65 -1.33 0.65 13.29
CA GLN B 65 -0.01 0.14 12.90
C GLN B 65 0.14 -1.36 13.06
N CYS B 66 -0.54 -2.13 12.23
CA CYS B 66 -0.53 -3.58 12.37
C CYS B 66 0.69 -4.23 11.71
N SER B 67 1.50 -3.44 11.01
CA SER B 67 2.69 -3.98 10.31
C SER B 67 3.83 -4.36 11.25
N ARG B 68 4.45 -5.50 10.98
CA ARG B 68 5.65 -5.94 11.72
C ARG B 68 6.72 -6.39 10.73
N PHE B 69 7.98 -6.23 11.10
CA PHE B 69 9.07 -6.52 10.17
C PHE B 69 10.17 -7.38 10.82
N VAL B 70 10.52 -8.48 10.18
CA VAL B 70 11.66 -9.26 10.63
C VAL B 70 12.81 -9.04 9.65
N VAL B 71 13.91 -8.51 10.14
CA VAL B 71 15.08 -8.25 9.31
C VAL B 71 16.07 -9.42 9.39
N VAL B 72 16.25 -10.10 8.26
CA VAL B 72 17.10 -11.29 8.17
C VAL B 72 18.35 -10.95 7.35
N GLN B 73 19.52 -11.29 7.90
CA GLN B 73 20.78 -11.07 7.19
C GLN B 73 21.65 -12.32 7.12
N ASP B 74 21.37 -13.31 7.96
CA ASP B 74 22.20 -14.52 8.01
C ASP B 74 22.14 -15.31 6.71
N ALA B 75 23.32 -15.58 6.15
CA ALA B 75 23.46 -16.25 4.85
C ALA B 75 22.63 -17.53 4.71
N GLU B 76 22.68 -18.39 5.72
CA GLU B 76 21.99 -19.68 5.66
C GLU B 76 20.48 -19.54 5.80
N VAL B 77 20.02 -18.65 6.67
CA VAL B 77 18.60 -18.41 6.82
C VAL B 77 18.01 -17.86 5.52
N LYS B 78 18.76 -16.99 4.86
CA LYS B 78 18.30 -16.41 3.60
C LYS B 78 18.19 -17.49 2.53
N ALA B 79 19.08 -18.48 2.57
CA ALA B 79 19.04 -19.61 1.66
C ALA B 79 17.76 -20.40 1.89
N LYS B 80 17.45 -20.65 3.15
CA LYS B 80 16.22 -21.35 3.51
C LYS B 80 14.96 -20.60 3.04
N ILE B 81 14.95 -19.28 3.20
CA ILE B 81 13.81 -18.48 2.73
C ILE B 81 13.63 -18.63 1.23
N SER B 82 14.75 -18.54 0.51
CA SER B 82 14.75 -18.75 -0.92
C SER B 82 14.18 -20.13 -1.26
N GLU B 83 14.63 -21.15 -0.53
CA GLU B 83 14.12 -22.52 -0.71
C GLU B 83 12.61 -22.60 -0.52
N LEU B 84 12.04 -21.65 0.21
CA LEU B 84 10.63 -21.70 0.58
C LEU B 84 9.73 -20.91 -0.34
N SER B 85 10.32 -20.18 -1.28
CA SER B 85 9.55 -19.30 -2.14
C SER B 85 9.44 -19.89 -3.53
N PHE B 86 9.52 -21.21 -3.60
CA PHE B 86 9.34 -21.94 -4.85
C PHE B 86 7.84 -22.13 -5.13
N VAL B 87 7.46 -22.11 -6.41
CA VAL B 87 6.06 -22.35 -6.76
C VAL B 87 5.78 -23.82 -7.09
N GLU B 88 4.89 -24.41 -6.31
CA GLU B 88 4.33 -25.73 -6.62
C GLU B 88 3.18 -25.54 -7.63
N ALA B 89 3.25 -26.26 -8.75
CA ALA B 89 2.30 -26.12 -9.86
C ALA B 89 0.83 -26.08 -9.41
N PHE B 90 0.47 -26.97 -8.50
CA PHE B 90 -0.90 -27.08 -8.01
C PHE B 90 -1.36 -25.81 -7.29
N PHE B 91 -0.41 -25.11 -6.65
CA PHE B 91 -0.74 -23.90 -5.90
C PHE B 91 -0.27 -22.62 -6.61
N ALA B 92 0.05 -22.73 -7.90
CA ALA B 92 0.56 -21.58 -8.66
C ALA B 92 -0.46 -20.45 -8.66
N PRO B 93 -0.11 -19.32 -8.04
CA PRO B 93 -1.07 -18.22 -7.99
C PRO B 93 -1.10 -17.46 -9.31
N LEU B 94 -2.04 -16.52 -9.41
CA LEU B 94 -2.24 -15.69 -10.60
C LEU B 94 -0.92 -15.11 -11.13
N GLY B 95 -0.64 -15.36 -12.41
CA GLY B 95 0.53 -14.78 -13.05
C GLY B 95 1.91 -15.27 -12.62
N TYR B 96 1.98 -16.18 -11.66
CA TYR B 96 3.28 -16.72 -11.25
C TYR B 96 3.36 -18.25 -11.33
N ARG B 97 3.57 -18.75 -12.54
N ARG B 97 3.52 -18.78 -12.55
CA ARG B 97 3.83 -20.17 -12.75
CA ARG B 97 3.79 -20.19 -12.73
C ARG B 97 5.13 -20.55 -12.05
C ARG B 97 5.14 -20.56 -12.07
N THR B 98 6.09 -19.64 -12.12
CA THR B 98 7.34 -19.77 -11.37
C THR B 98 7.55 -18.46 -10.61
N ASN B 99 8.47 -18.48 -9.65
CA ASN B 99 8.79 -17.28 -8.89
C ASN B 99 10.17 -16.70 -9.27
N PRO B 100 10.16 -15.68 -10.14
CA PRO B 100 11.39 -15.12 -10.72
C PRO B 100 12.26 -14.45 -9.66
N ALA B 101 11.68 -14.13 -8.52
CA ALA B 101 12.38 -13.44 -7.45
C ALA B 101 13.04 -14.39 -6.44
N GLN B 102 12.95 -15.69 -6.72
CA GLN B 102 13.44 -16.72 -5.80
C GLN B 102 14.93 -16.60 -5.47
N LYS B 103 15.78 -16.45 -6.49
CA LYS B 103 17.21 -16.35 -6.25
C LYS B 103 17.56 -15.09 -5.46
N ALA B 104 16.81 -14.02 -5.69
CA ALA B 104 17.03 -12.74 -5.03
C ALA B 104 17.04 -12.89 -3.52
N LEU B 105 16.13 -13.74 -3.02
CA LEU B 105 16.01 -13.98 -1.58
C LEU B 105 17.29 -14.53 -0.97
N ALA B 106 18.04 -15.27 -1.78
CA ALA B 106 19.30 -15.85 -1.33
C ALA B 106 20.45 -14.88 -1.52
N GLU B 107 20.48 -14.21 -2.67
CA GLU B 107 21.57 -13.31 -3.04
C GLU B 107 21.63 -12.05 -2.16
N ALA B 108 20.47 -11.43 -1.93
CA ALA B 108 20.41 -10.13 -1.25
C ALA B 108 21.11 -10.13 0.11
N PRO B 109 21.78 -9.01 0.44
CA PRO B 109 22.41 -8.88 1.76
C PRO B 109 21.36 -8.89 2.86
N VAL B 110 20.17 -8.39 2.54
CA VAL B 110 19.12 -8.28 3.54
C VAL B 110 17.79 -8.76 2.96
N VAL B 111 17.05 -9.52 3.75
CA VAL B 111 15.67 -9.82 3.43
C VAL B 111 14.77 -9.30 4.54
N ILE B 112 13.85 -8.41 4.19
CA ILE B 112 12.85 -7.96 5.15
C ILE B 112 11.57 -8.77 5.00
N VAL B 113 11.12 -9.34 6.10
CA VAL B 113 9.90 -10.14 6.09
C VAL B 113 8.76 -9.31 6.69
N ALA B 114 7.79 -8.93 5.86
CA ALA B 114 6.72 -8.05 6.32
C ALA B 114 5.49 -8.85 6.76
N CYS B 115 5.02 -8.56 7.96
CA CYS B 115 3.91 -9.28 8.56
C CYS B 115 2.80 -8.32 8.97
N GLY B 116 1.59 -8.84 9.18
CA GLY B 116 0.51 -8.03 9.70
C GLY B 116 -0.19 -8.68 10.87
N VAL B 117 -0.67 -7.86 11.80
CA VAL B 117 -1.49 -8.31 12.93
C VAL B 117 -2.94 -8.01 12.55
N PRO B 118 -3.71 -9.02 12.09
CA PRO B 118 -5.00 -8.73 11.45
C PRO B 118 -6.00 -8.02 12.38
N GLY B 119 -5.93 -8.28 13.67
CA GLY B 119 -6.86 -7.68 14.63
C GLY B 119 -6.56 -6.21 14.89
N GLU B 120 -5.42 -5.74 14.39
CA GLU B 120 -5.02 -4.34 14.57
C GLU B 120 -5.31 -3.51 13.32
N SER B 121 -6.25 -3.98 12.50
CA SER B 121 -6.71 -3.20 11.36
C SER B 121 -8.18 -3.51 11.12
N GLY B 122 -8.84 -2.68 10.32
CA GLY B 122 -10.25 -2.90 10.02
C GLY B 122 -10.56 -4.27 9.44
N ASP B 123 -11.69 -4.82 9.85
CA ASP B 123 -12.22 -6.05 9.28
C ASP B 123 -13.71 -5.81 9.16
N LEU B 124 -14.13 -5.37 7.98
CA LEU B 124 -15.52 -5.03 7.72
C LEU B 124 -15.78 -5.16 6.23
N ARG B 125 -17.05 -5.42 5.89
CA ARG B 125 -17.45 -5.73 4.54
C ARG B 125 -16.69 -6.96 4.04
N GLY B 126 -16.22 -7.78 4.99
CA GLY B 126 -15.40 -8.94 4.66
C GLY B 126 -14.02 -8.59 4.09
N GLN B 127 -13.57 -7.36 4.27
CA GLN B 127 -12.26 -6.96 3.73
C GLN B 127 -11.20 -6.91 4.82
N GLN B 128 -10.03 -7.47 4.51
CA GLN B 128 -8.91 -7.56 5.44
C GLN B 128 -8.04 -6.31 5.28
N TYR B 129 -8.31 -5.27 6.06
CA TYR B 129 -7.55 -4.04 5.88
C TYR B 129 -6.09 -4.14 6.33
N TYR B 130 -5.74 -5.18 7.11
CA TYR B 130 -4.33 -5.35 7.46
C TYR B 130 -3.46 -5.55 6.20
N THR B 132 -4.07 -4.11 3.36
CA THR B 132 -3.91 -2.76 2.83
C THR B 132 -2.86 -1.99 3.62
N ASP B 133 -2.89 -2.10 4.95
CA ASP B 133 -1.92 -1.41 5.80
C ASP B 133 -0.49 -1.89 5.52
N VAL B 134 -0.31 -3.19 5.34
CA VAL B 134 1.04 -3.68 5.01
C VAL B 134 1.44 -3.24 3.61
N GLY B 135 0.51 -3.28 2.65
CA GLY B 135 0.75 -2.75 1.32
C GLY B 135 1.27 -1.31 1.39
N ILE B 136 0.61 -0.49 2.19
CA ILE B 136 0.99 0.90 2.34
C ILE B 136 2.41 1.03 2.91
N ALA B 137 2.69 0.30 3.98
CA ALA B 137 3.98 0.39 4.65
C ALA B 137 5.10 -0.13 3.76
N THR B 138 4.82 -1.18 3.00
CA THR B 138 5.85 -1.75 2.14
C THR B 138 6.09 -0.91 0.88
N GLU B 139 5.10 -0.13 0.45
CA GLU B 139 5.36 0.80 -0.62
C GLU B 139 6.25 1.94 -0.14
N ASN B 140 6.07 2.38 1.11
CA ASN B 140 7.02 3.33 1.70
C ASN B 140 8.44 2.73 1.70
N LEU B 141 8.52 1.50 2.19
CA LEU B 141 9.79 0.78 2.28
C LEU B 141 10.47 0.71 0.92
N LEU B 143 9.84 2.52 -1.88
CA LEU B 143 10.18 3.83 -2.41
C LEU B 143 11.41 4.39 -1.73
N ALA B 144 11.46 4.27 -0.40
CA ALA B 144 12.61 4.76 0.36
C ALA B 144 13.88 4.08 -0.10
N ALA B 145 13.79 2.76 -0.26
CA ALA B 145 14.93 1.96 -0.67
C ALA B 145 15.44 2.43 -2.04
N HIS B 146 14.51 2.67 -2.96
CA HIS B 146 14.90 3.07 -4.30
C HIS B 146 15.51 4.46 -4.25
N ALA B 147 14.97 5.30 -3.38
CA ALA B 147 15.39 6.69 -3.24
C ALA B 147 16.83 6.84 -2.75
N VAL B 148 17.28 5.90 -1.93
CA VAL B 148 18.67 5.93 -1.44
C VAL B 148 19.61 4.98 -2.21
N GLY B 149 19.21 4.59 -3.42
CA GLY B 149 20.09 3.81 -4.29
C GLY B 149 19.98 2.31 -4.17
N LEU B 150 19.05 1.84 -3.34
CA LEU B 150 18.87 0.40 -3.16
C LEU B 150 17.81 -0.11 -4.12
N GLY B 151 17.63 -1.42 -4.13
CA GLY B 151 16.61 -2.04 -4.96
C GLY B 151 15.89 -3.05 -4.11
N SER B 152 14.67 -3.40 -4.52
CA SER B 152 13.91 -4.43 -3.84
C SER B 152 12.83 -4.93 -4.76
N VAL B 153 12.09 -5.92 -4.28
CA VAL B 153 10.95 -6.46 -5.01
C VAL B 153 9.97 -7.04 -3.97
N PHE B 154 8.68 -6.81 -4.15
CA PHE B 154 7.67 -7.45 -3.31
C PHE B 154 7.60 -8.93 -3.73
N VAL B 155 7.85 -9.85 -2.80
CA VAL B 155 7.59 -11.26 -3.08
C VAL B 155 6.40 -11.76 -2.28
N GLY B 156 5.34 -12.12 -3.00
CA GLY B 156 4.11 -12.62 -2.37
C GLY B 156 4.01 -14.13 -2.36
N VAL B 157 4.91 -14.80 -3.07
CA VAL B 157 4.86 -16.27 -3.18
C VAL B 157 5.86 -16.91 -2.21
N PHE B 158 5.34 -17.72 -1.28
CA PHE B 158 6.17 -18.36 -0.25
C PHE B 158 5.33 -19.33 0.57
N GLY B 159 5.98 -20.30 1.20
CA GLY B 159 5.29 -21.21 2.11
C GLY B 159 5.25 -20.61 3.51
N GLU B 160 4.08 -20.11 3.89
CA GLU B 160 3.97 -19.27 5.10
C GLU B 160 4.25 -20.05 6.37
N GLU B 161 3.78 -21.30 6.40
CA GLU B 161 3.92 -22.12 7.61
C GLU B 161 5.36 -22.41 7.93
N GLN B 162 6.12 -22.88 6.93
CA GLN B 162 7.52 -23.21 7.12
C GLN B 162 8.36 -21.96 7.37
N LEU B 163 8.00 -20.87 6.70
CA LEU B 163 8.69 -19.59 6.90
C LEU B 163 8.46 -19.06 8.32
N GLY B 164 7.24 -19.20 8.80
CA GLY B 164 6.91 -18.80 10.16
C GLY B 164 7.70 -19.62 11.15
N ASP B 165 7.69 -20.94 10.98
CA ASP B 165 8.49 -21.84 11.81
C ASP B 165 9.98 -21.44 11.84
N LEU B 166 10.53 -21.21 10.65
CA LEU B 166 11.93 -20.82 10.52
C LEU B 166 12.26 -19.55 11.30
N LEU B 167 11.37 -18.57 11.24
CA LEU B 167 11.65 -17.27 11.84
C LEU B 167 10.96 -17.07 13.18
N ASP B 168 10.41 -18.15 13.74
CA ASP B 168 9.69 -18.09 15.02
C ASP B 168 8.53 -17.12 15.02
N ILE B 169 7.85 -16.99 13.88
CA ILE B 169 6.68 -16.14 13.78
C ILE B 169 5.42 -16.91 14.16
N PRO B 170 4.70 -16.44 15.20
CA PRO B 170 3.47 -17.06 15.70
C PRO B 170 2.42 -17.15 14.59
N PRO B 171 1.64 -18.23 14.56
CA PRO B 171 0.71 -18.46 13.45
C PRO B 171 -0.47 -17.45 13.41
N GLU B 172 -0.74 -16.78 14.52
CA GLU B 172 -1.75 -15.72 14.52
C GLU B 172 -1.25 -14.46 13.81
N ILE B 173 0.08 -14.35 13.67
CA ILE B 173 0.65 -13.30 12.84
C ILE B 173 0.66 -13.77 11.36
N ARG B 174 0.20 -12.93 10.45
CA ARG B 174 0.18 -13.32 9.05
C ARG B 174 1.37 -12.71 8.30
N ILE B 175 2.06 -13.52 7.51
CA ILE B 175 3.15 -13.05 6.67
C ILE B 175 2.57 -12.59 5.33
N VAL B 176 2.96 -11.40 4.88
CA VAL B 176 2.36 -10.81 3.70
C VAL B 176 3.33 -10.68 2.52
N GLY B 177 4.59 -10.34 2.80
CA GLY B 177 5.55 -10.11 1.74
C GLY B 177 6.99 -10.27 2.18
N LEU B 178 7.85 -10.70 1.25
CA LEU B 178 9.28 -10.79 1.50
C LEU B 178 9.98 -9.74 0.64
N PHE B 179 11.01 -9.11 1.20
CA PHE B 179 11.67 -7.99 0.53
C PHE B 179 13.17 -8.13 0.53
N PRO B 180 13.70 -8.78 -0.52
CA PRO B 180 15.14 -8.76 -0.77
C PRO B 180 15.54 -7.30 -0.88
N LEU B 181 16.66 -6.95 -0.25
CA LEU B 181 17.09 -5.55 -0.22
C LEU B 181 18.59 -5.49 -0.42
N GLY B 182 19.02 -4.59 -1.29
CA GLY B 182 20.44 -4.47 -1.60
C GLY B 182 20.68 -3.64 -2.84
N TYR B 183 21.91 -3.69 -3.34
CA TYR B 183 22.25 -2.98 -4.56
C TYR B 183 22.07 -3.87 -5.78
N PRO B 184 21.60 -3.28 -6.89
CA PRO B 184 21.38 -3.98 -8.15
C PRO B 184 22.71 -4.32 -8.81
N ARG B 185 22.76 -5.40 -9.59
CA ARG B 185 23.99 -5.78 -10.29
C ARG B 185 23.95 -5.35 -11.75
N SER B 192 2.51 17.08 12.04
CA SER B 192 1.66 17.09 13.22
C SER B 192 0.75 15.85 13.33
N GLY B 193 1.29 14.66 13.06
CA GLY B 193 0.48 13.45 13.08
C GLY B 193 0.53 12.71 14.40
N PRO B 194 -0.39 11.75 14.60
CA PRO B 194 -0.44 10.96 15.84
C PRO B 194 0.78 10.05 16.00
N ALA B 195 1.25 9.87 17.24
CA ALA B 195 2.46 9.10 17.54
C ALA B 195 2.42 7.71 16.95
N ARG B 196 3.57 7.27 16.44
CA ARG B 196 3.72 5.91 15.93
C ARG B 196 4.31 5.01 17.03
N LYS B 197 4.19 3.71 16.87
CA LYS B 197 4.88 2.77 17.77
C LYS B 197 6.38 2.96 17.59
N PRO B 198 7.17 2.73 18.65
CA PRO B 198 8.63 2.77 18.52
C PRO B 198 9.15 1.73 17.52
N LEU B 199 10.29 2.01 16.89
CA LEU B 199 10.87 1.09 15.91
C LEU B 199 11.21 -0.27 16.52
N ASP B 200 11.73 -0.29 17.74
CA ASP B 200 12.08 -1.55 18.40
C ASP B 200 10.87 -2.43 18.77
N GLU B 201 9.65 -1.93 18.57
CA GLU B 201 8.46 -2.75 18.81
C GLU B 201 7.85 -3.33 17.53
N ILE B 202 8.29 -2.84 16.38
CA ILE B 202 7.75 -3.32 15.11
C ILE B 202 8.82 -3.95 14.20
N VAL B 203 10.09 -3.74 14.53
CA VAL B 203 11.20 -4.29 13.75
C VAL B 203 11.97 -5.29 14.61
N PHE B 204 12.12 -6.51 14.11
CA PHE B 204 12.81 -7.54 14.87
C PHE B 204 14.02 -8.04 14.09
N GLN B 205 15.12 -8.24 14.81
CA GLN B 205 16.38 -8.63 14.19
C GLN B 205 16.53 -10.15 14.10
N GLY B 206 16.74 -10.65 12.89
CA GLY B 206 17.03 -12.06 12.68
C GLY B 206 15.81 -12.96 12.79
N LYS B 207 15.12 -12.90 13.92
CA LYS B 207 13.92 -13.69 14.17
C LYS B 207 12.90 -12.89 14.99
N TRP B 208 11.68 -13.40 15.09
CA TRP B 208 10.58 -12.71 15.76
C TRP B 208 10.88 -12.37 17.22
#